data_9XZ1
#
_entry.id   9XZ1
#
_cell.length_a   103.575
_cell.length_b   42.537
_cell.length_c   95.283
_cell.angle_alpha   90.00
_cell.angle_beta   110.58
_cell.angle_gamma   90.00
#
_symmetry.space_group_name_H-M   'C 1 2 1'
#
loop_
_entity.id
_entity.type
_entity.pdbx_description
1 polymer 'Heat shock protein HSP 90-alpha'
2 polymer 'GTPase KRas'
3 non-polymer 2-[BIS-(2-HYDROXY-ETHYL)-AMINO]-2-HYDROXYMETHYL-PROPANE-1,3-DIOL
4 non-polymer 'CALCIUM ION'
5 non-polymer "GUANOSINE-5'-DIPHOSPHATE"
6 non-polymer (5M)-4-{4-[(4-{4-[2-({7-(8-chloronaphthalen-1-yl)-4-[(3S)-3-(cyanomethyl)-4-propanoylpiperazin-1-yl]-5,6,7,8-tetrahydropyrido[3,4-d]pyrimidin-2-yl}oxy)ethyl]piperazine-1-carbonyl}piperidin-1-yl)methyl]phenyl}-5-[2,4-dihydroxy-5-(propan-2-yl)phenyl]-4H-1,2,4-triazole-3-carboxamide
7 non-polymer 'MAGNESIUM ION'
8 water water
#
loop_
_entity_poly.entity_id
_entity_poly.type
_entity_poly.pdbx_seq_one_letter_code
_entity_poly.pdbx_strand_id
1 'polypeptide(L)'
;MPEETQTQDQPMEEEEVETFAFQAEIAQLMSLIINTFYSNKEIFLRELISNSSDALDKIRYESLTDPSKLDSGKELHINL
IPNKQDRTLTIVDTGIGMTKADLINNLGTIAKSGTKAFMEALQAGADISMIGQFGVGFYSAYLVAEKVTVITKHNDDEQY
AWESSAGGSFTVRTDTGEPMGRGTKVILHLKEDQTEYLEERRIKEIVKKHSQFIGYPITLFVEKERDKEVSDDEAE
;
A
2 'polypeptide(L)'
;GMTEYKLVVVGACGVGKSALTIQLIQNHFVDEYDPTIEDSYRKQVVIDGETSLLDILDTAGQEEYSAMRDQYMRTGEGFL
LVFAINNTKSFEDIHHYREQIKRVKDSEDVPMVLVGNKSDLPSRTVDTKQAQDLARSYGIPFIETSAKTRQGVDDAFYTL
VREIRKHKEK
;
B
#
loop_
_chem_comp.id
_chem_comp.type
_chem_comp.name
_chem_comp.formula
A1CRY non-polymer (5M)-4-{4-[(4-{4-[2-({7-(8-chloronaphthalen-1-yl)-4-[(3S)-3-(cyanomethyl)-4-propanoylpiperazin-1-yl]-5,6,7,8-tetrahydropyrido[3,4-d]pyrimidin-2-yl}oxy)ethyl]piperazine-1-carbonyl}piperidin-1-yl)methyl]phenyl}-5-[2,4-dihydroxy-5-(propan-2-yl)phenyl]-4H-1,2,4-triazole-3-carboxamide 'C57 H66 Cl N13 O6'
BTB non-polymer 2-[BIS-(2-HYDROXY-ETHYL)-AMINO]-2-HYDROXYMETHYL-PROPANE-1,3-DIOL 'C8 H19 N O5'
CA non-polymer 'CALCIUM ION' 'Ca 2'
GDP RNA linking GUANOSINE-5'-DIPHOSPHATE 'C10 H15 N5 O11 P2'
MG non-polymer 'MAGNESIUM ION' 'Mg 2'
#
# COMPACT_ATOMS: atom_id res chain seq x y z
N THR A 7 -33.35 10.79 -37.70
CA THR A 7 -34.47 11.62 -37.14
C THR A 7 -34.59 11.41 -35.62
N GLN A 8 -33.47 11.28 -34.89
CA GLN A 8 -33.41 10.98 -33.43
C GLN A 8 -33.40 12.28 -32.61
N ASP A 9 -33.72 12.19 -31.32
CA ASP A 9 -33.61 13.28 -30.31
C ASP A 9 -32.14 13.45 -29.91
N GLN A 10 -31.78 14.65 -29.43
CA GLN A 10 -30.37 15.02 -29.09
C GLN A 10 -29.87 14.10 -27.97
N PRO A 11 -28.88 13.19 -28.24
CA PRO A 11 -28.28 12.39 -27.17
C PRO A 11 -27.54 13.35 -26.23
N MET A 12 -27.60 13.06 -24.94
CA MET A 12 -26.89 13.82 -23.87
C MET A 12 -26.62 12.86 -22.71
N GLU A 13 -25.35 12.75 -22.32
CA GLU A 13 -24.89 11.98 -21.14
C GLU A 13 -25.00 12.85 -19.89
N GLU A 14 -25.17 12.22 -18.74
CA GLU A 14 -25.23 12.88 -17.42
C GLU A 14 -24.21 12.24 -16.48
N GLU A 15 -23.51 13.06 -15.70
CA GLU A 15 -22.49 12.63 -14.73
C GLU A 15 -22.81 13.31 -13.40
N GLU A 16 -22.87 12.54 -12.32
CA GLU A 16 -23.02 13.08 -10.96
C GLU A 16 -21.61 13.49 -10.51
N VAL A 17 -21.45 14.70 -9.99
CA VAL A 17 -20.13 15.20 -9.54
C VAL A 17 -20.26 15.47 -8.04
N GLU A 18 -19.32 14.98 -7.24
CA GLU A 18 -19.25 15.27 -5.78
C GLU A 18 -17.94 15.98 -5.48
N THR A 19 -17.96 16.96 -4.57
CA THR A 19 -16.79 17.74 -4.14
C THR A 19 -16.46 17.34 -2.70
N PHE A 20 -15.17 17.23 -2.42
CA PHE A 20 -14.60 16.77 -1.13
C PHE A 20 -13.48 17.70 -0.71
N ALA A 21 -13.41 17.98 0.59
CA ALA A 21 -12.26 18.67 1.21
C ALA A 21 -11.13 17.66 1.37
N PHE A 22 -9.89 18.06 1.10
CA PHE A 22 -8.71 17.25 1.50
C PHE A 22 -8.65 17.28 3.03
N GLN A 23 -8.24 16.17 3.66
CA GLN A 23 -7.81 16.16 5.09
C GLN A 23 -6.78 17.29 5.27
N ALA A 24 -6.88 18.04 6.38
CA ALA A 24 -6.14 19.31 6.61
C ALA A 24 -4.65 19.15 6.30
N GLU A 25 -4.05 18.04 6.70
CA GLU A 25 -2.58 17.78 6.57
C GLU A 25 -2.20 17.53 5.10
N ILE A 26 -3.06 16.88 4.31
CA ILE A 26 -2.80 16.68 2.85
C ILE A 26 -2.88 18.05 2.18
N ALA A 27 -3.84 18.89 2.55
CA ALA A 27 -3.98 20.24 1.96
C ALA A 27 -2.74 21.06 2.33
N GLN A 28 -2.21 20.92 3.54
CA GLN A 28 -0.99 21.69 3.91
C GLN A 28 0.17 21.25 3.01
N LEU A 29 0.34 19.93 2.86
CA LEU A 29 1.43 19.36 2.03
C LEU A 29 1.28 19.85 0.59
N MET A 30 0.07 19.82 0.04
CA MET A 30 -0.18 20.22 -1.36
C MET A 30 0.14 21.71 -1.55
N SER A 31 -0.14 22.55 -0.54
CA SER A 31 0.15 24.00 -0.55
C SER A 31 1.67 24.22 -0.54
N LEU A 32 2.38 23.46 0.30
CA LEU A 32 3.86 23.44 0.35
C LEU A 32 4.44 23.00 -1.00
N ILE A 33 3.93 21.94 -1.60
CA ILE A 33 4.51 21.42 -2.87
C ILE A 33 4.27 22.44 -4.00
N ILE A 34 3.05 22.95 -4.10
CA ILE A 34 2.65 23.87 -5.20
C ILE A 34 3.47 25.17 -5.14
N ASN A 35 3.72 25.71 -3.95
CA ASN A 35 4.20 27.11 -3.80
C ASN A 35 5.74 27.16 -3.77
N THR A 36 6.44 26.06 -3.51
CA THR A 36 7.91 26.06 -3.26
C THR A 36 8.65 25.43 -4.44
N PHE A 37 9.77 26.04 -4.85
CA PHE A 37 10.68 25.51 -5.89
C PHE A 37 11.58 24.47 -5.24
N TYR A 38 11.66 23.28 -5.84
CA TYR A 38 12.56 22.17 -5.45
C TYR A 38 13.42 21.84 -6.65
N SER A 39 14.74 21.88 -6.45
CA SER A 39 15.80 21.59 -7.46
C SER A 39 15.68 20.14 -7.91
N ASN A 40 15.26 19.25 -7.04
CA ASN A 40 15.20 17.81 -7.39
C ASN A 40 13.78 17.36 -7.82
N LYS A 41 12.95 18.25 -8.37
CA LYS A 41 11.50 17.97 -8.65
C LYS A 41 11.31 16.92 -9.76
N GLU A 42 12.33 16.57 -10.54
CA GLU A 42 12.22 15.46 -11.56
C GLU A 42 11.71 14.15 -10.95
N ILE A 43 11.78 14.00 -9.62
CA ILE A 43 11.39 12.73 -8.93
C ILE A 43 9.88 12.50 -9.07
N PHE A 44 9.08 13.49 -9.45
CA PHE A 44 7.63 13.32 -9.65
C PHE A 44 7.35 12.14 -10.60
N LEU A 45 8.17 11.97 -11.62
CA LEU A 45 7.89 10.94 -12.66
C LEU A 45 8.20 9.56 -12.08
N ARG A 46 9.24 9.44 -11.26
CA ARG A 46 9.56 8.17 -10.56
C ARG A 46 8.37 7.80 -9.66
N GLU A 47 7.71 8.77 -9.01
CA GLU A 47 6.62 8.45 -8.05
C GLU A 47 5.39 7.96 -8.82
N LEU A 48 5.09 8.54 -9.98
CA LEU A 48 3.99 8.07 -10.87
C LEU A 48 4.24 6.62 -11.32
N ILE A 49 5.45 6.33 -11.74
CA ILE A 49 5.80 5.00 -12.28
C ILE A 49 5.74 3.98 -11.14
N SER A 50 6.15 4.40 -9.93
CA SER A 50 6.19 3.52 -8.74
C SER A 50 4.74 3.20 -8.34
N ASN A 51 3.82 4.18 -8.37
CA ASN A 51 2.39 3.98 -8.07
C ASN A 51 1.72 3.06 -9.11
N SER A 52 2.04 3.20 -10.39
CA SER A 52 1.56 2.28 -11.44
C SER A 52 2.04 0.87 -11.11
N SER A 53 3.31 0.72 -10.76
CA SER A 53 3.94 -0.58 -10.37
C SER A 53 3.15 -1.24 -9.21
N ASP A 54 2.75 -0.49 -8.18
CA ASP A 54 1.95 -0.98 -7.03
C ASP A 54 0.61 -1.53 -7.54
N ALA A 55 -0.05 -0.80 -8.43
CA ALA A 55 -1.34 -1.23 -9.03
C ALA A 55 -1.14 -2.52 -9.86
N LEU A 56 -0.06 -2.63 -10.59
CA LEU A 56 0.17 -3.83 -11.43
C LEU A 56 0.47 -5.02 -10.51
N ASP A 57 1.18 -4.79 -9.40
CA ASP A 57 1.47 -5.86 -8.39
C ASP A 57 0.14 -6.36 -7.84
N LYS A 58 -0.85 -5.48 -7.65
CA LYS A 58 -2.16 -5.89 -7.07
C LYS A 58 -2.85 -6.88 -8.00
N ILE A 59 -2.66 -6.76 -9.32
CA ILE A 59 -3.23 -7.73 -10.30
C ILE A 59 -2.68 -9.10 -9.95
N ARG A 60 -1.35 -9.21 -9.81
CA ARG A 60 -0.67 -10.51 -9.59
C ARG A 60 -1.10 -11.10 -8.22
N TYR A 61 -1.13 -10.29 -7.16
CA TYR A 61 -1.62 -10.72 -5.82
C TYR A 61 -3.04 -11.31 -5.95
N GLU A 62 -3.96 -10.62 -6.62
CA GLU A 62 -5.38 -11.06 -6.74
C GLU A 62 -5.44 -12.40 -7.48
N SER A 63 -4.58 -12.58 -8.49
CA SER A 63 -4.35 -13.83 -9.27
C SER A 63 -4.13 -15.06 -8.38
N LEU A 64 -3.46 -14.89 -7.24
CA LEU A 64 -3.11 -16.02 -6.35
C LEU A 64 -4.39 -16.75 -5.94
N THR A 65 -5.42 -15.99 -5.54
CA THR A 65 -6.68 -16.50 -4.91
C THR A 65 -7.87 -16.39 -5.88
N ASP A 66 -7.81 -15.51 -6.89
CA ASP A 66 -8.85 -15.37 -7.95
C ASP A 66 -8.18 -15.63 -9.31
N PRO A 67 -8.06 -16.90 -9.73
CA PRO A 67 -7.39 -17.23 -10.99
C PRO A 67 -7.97 -16.60 -12.27
N SER A 68 -9.21 -16.09 -12.26
CA SER A 68 -9.85 -15.43 -13.44
C SER A 68 -9.03 -14.22 -13.88
N LYS A 69 -8.29 -13.58 -12.97
CA LYS A 69 -7.33 -12.51 -13.31
C LYS A 69 -6.38 -12.99 -14.41
N LEU A 70 -5.90 -14.23 -14.32
CA LEU A 70 -4.97 -14.86 -15.30
C LEU A 70 -5.56 -14.81 -16.72
N ASP A 71 -6.89 -14.82 -16.83
CA ASP A 71 -7.65 -14.93 -18.12
C ASP A 71 -7.61 -13.63 -18.93
N SER A 72 -7.32 -12.46 -18.34
CA SER A 72 -7.19 -11.23 -19.16
C SER A 72 -6.05 -11.45 -20.17
N GLY A 73 -6.20 -10.97 -21.41
CA GLY A 73 -5.12 -10.97 -22.43
C GLY A 73 -4.37 -9.64 -22.49
N LYS A 74 -4.53 -8.77 -21.49
CA LYS A 74 -3.84 -7.47 -21.40
C LYS A 74 -2.44 -7.68 -20.82
N GLU A 75 -1.42 -7.13 -21.48
CA GLU A 75 -0.06 -7.01 -20.92
C GLU A 75 -0.12 -6.09 -19.69
N LEU A 76 0.69 -6.39 -18.67
CA LEU A 76 0.93 -5.51 -17.49
C LEU A 76 2.07 -4.55 -17.85
N HIS A 77 1.75 -3.27 -18.08
CA HIS A 77 2.70 -2.30 -18.66
C HIS A 77 2.32 -0.88 -18.21
N ILE A 78 3.28 0.03 -18.37
CA ILE A 78 3.16 1.47 -18.07
C ILE A 78 3.48 2.21 -19.37
N ASN A 79 2.64 3.15 -19.80
CA ASN A 79 2.84 3.99 -21.00
C ASN A 79 2.92 5.47 -20.58
N LEU A 80 3.93 6.18 -21.08
CA LEU A 80 4.14 7.64 -20.90
C LEU A 80 3.81 8.32 -22.22
N ILE A 81 2.96 9.33 -22.17
CA ILE A 81 2.38 9.99 -23.36
C ILE A 81 2.42 11.48 -23.12
N PRO A 82 3.55 12.15 -23.49
CA PRO A 82 3.64 13.60 -23.52
C PRO A 82 2.80 14.12 -24.67
N ASN A 83 2.11 15.23 -24.44
CA ASN A 83 1.38 15.93 -25.52
C ASN A 83 1.73 17.40 -25.45
N LYS A 84 2.54 17.89 -26.40
CA LYS A 84 3.08 19.28 -26.38
C LYS A 84 1.96 20.28 -26.67
N GLN A 85 1.08 19.98 -27.62
CA GLN A 85 -0.10 20.82 -27.97
C GLN A 85 -0.96 21.08 -26.73
N ASP A 86 -1.31 20.03 -25.99
CA ASP A 86 -2.21 20.13 -24.83
C ASP A 86 -1.41 20.50 -23.59
N ARG A 87 -0.08 20.44 -23.68
CA ARG A 87 0.82 20.57 -22.51
C ARG A 87 0.41 19.59 -21.40
N THR A 88 0.25 18.31 -21.74
CA THR A 88 -0.09 17.24 -20.76
C THR A 88 0.97 16.17 -20.82
N LEU A 89 1.28 15.59 -19.66
CA LEU A 89 1.97 14.30 -19.52
C LEU A 89 0.97 13.30 -18.94
N THR A 90 0.71 12.22 -19.68
CA THR A 90 -0.28 11.18 -19.30
C THR A 90 0.50 9.89 -18.99
N ILE A 91 0.23 9.28 -17.85
CA ILE A 91 0.81 7.96 -17.47
C ILE A 91 -0.35 6.96 -17.39
N VAL A 92 -0.31 5.91 -18.21
CA VAL A 92 -1.40 4.90 -18.29
C VAL A 92 -0.82 3.58 -17.82
N ASP A 93 -1.54 2.86 -16.96
CA ASP A 93 -1.16 1.48 -16.60
C ASP A 93 -2.39 0.58 -16.71
N THR A 94 -2.13 -0.72 -16.77
CA THR A 94 -3.13 -1.80 -16.86
C THR A 94 -3.23 -2.50 -15.52
N GLY A 95 -3.02 -1.78 -14.43
CA GLY A 95 -3.14 -2.34 -13.06
C GLY A 95 -4.59 -2.61 -12.69
N ILE A 96 -4.82 -2.87 -11.40
CA ILE A 96 -6.14 -3.35 -10.92
C ILE A 96 -7.17 -2.23 -10.96
N GLY A 97 -6.75 -0.97 -10.93
CA GLY A 97 -7.66 0.20 -10.87
C GLY A 97 -8.25 0.40 -9.49
N MET A 98 -8.94 1.52 -9.29
CA MET A 98 -9.60 1.89 -8.02
C MET A 98 -11.13 1.97 -8.18
N THR A 99 -11.83 1.54 -7.13
CA THR A 99 -13.28 1.77 -6.90
C THR A 99 -13.45 3.24 -6.53
N LYS A 100 -14.69 3.75 -6.52
CA LYS A 100 -15.00 5.14 -6.13
C LYS A 100 -14.60 5.38 -4.67
N ALA A 101 -14.85 4.40 -3.80
CA ALA A 101 -14.45 4.48 -2.38
C ALA A 101 -12.93 4.67 -2.27
N ASP A 102 -12.15 3.97 -3.08
CA ASP A 102 -10.66 4.10 -3.13
C ASP A 102 -10.26 5.57 -3.36
N LEU A 103 -10.78 6.21 -4.41
CA LEU A 103 -10.49 7.62 -4.78
C LEU A 103 -10.79 8.57 -3.62
N ILE A 104 -12.00 8.48 -3.06
CA ILE A 104 -12.42 9.39 -1.97
C ILE A 104 -11.47 9.17 -0.79
N ASN A 105 -11.03 7.92 -0.57
CA ASN A 105 -10.16 7.48 0.57
C ASN A 105 -8.68 7.53 0.19
N ASN A 106 -8.18 6.71 -0.75
CA ASN A 106 -6.77 6.69 -1.25
C ASN A 106 -6.28 8.12 -1.58
N LEU A 107 -7.07 8.96 -2.23
CA LEU A 107 -6.57 10.28 -2.72
C LEU A 107 -7.24 11.44 -1.98
N GLY A 108 -7.26 11.43 -0.66
CA GLY A 108 -7.74 12.59 0.10
C GLY A 108 -7.98 12.32 1.58
N THR A 109 -7.41 11.24 2.16
CA THR A 109 -7.59 10.90 3.61
C THR A 109 -6.62 9.81 4.13
N ILE A 110 -6.47 8.65 3.47
CA ILE A 110 -5.75 7.45 4.02
C ILE A 110 -4.23 7.65 3.97
N ALA A 111 -3.74 8.62 3.21
CA ALA A 111 -2.30 8.93 3.10
C ALA A 111 -1.84 9.77 4.31
N LYS A 112 -2.64 9.84 5.38
CA LYS A 112 -2.62 10.98 6.33
C LYS A 112 -1.42 10.85 7.29
N SER A 113 -0.94 9.62 7.60
CA SER A 113 0.05 9.36 8.67
C SER A 113 1.48 9.73 8.24
N GLY A 114 1.87 9.35 7.02
CA GLY A 114 3.16 9.75 6.43
C GLY A 114 3.15 11.20 5.97
N THR A 115 1.96 11.77 5.77
CA THR A 115 1.80 13.19 5.39
C THR A 115 2.47 14.08 6.42
N LYS A 116 2.07 13.96 7.68
CA LYS A 116 2.60 14.81 8.75
C LYS A 116 4.08 14.48 8.92
N ALA A 117 4.43 13.20 8.90
CA ALA A 117 5.83 12.73 9.09
C ALA A 117 6.74 13.29 7.97
N PHE A 118 6.28 13.34 6.73
CA PHE A 118 7.05 13.91 5.60
C PHE A 118 7.29 15.42 5.81
N MET A 119 6.26 16.18 6.18
CA MET A 119 6.46 17.65 6.40
C MET A 119 7.45 17.89 7.54
N GLU A 120 7.46 17.07 8.58
CA GLU A 120 8.49 17.24 9.65
C GLU A 120 9.87 16.82 9.12
N ALA A 121 9.93 15.81 8.23
CA ALA A 121 11.20 15.41 7.59
C ALA A 121 11.74 16.58 6.76
N LEU A 122 10.89 17.25 6.00
CA LEU A 122 11.30 18.42 5.18
C LEU A 122 11.83 19.53 6.11
N GLN A 123 11.09 19.84 7.18
CA GLN A 123 11.51 20.86 8.18
C GLN A 123 12.89 20.47 8.71
N ALA A 124 13.15 19.16 8.89
CA ALA A 124 14.44 18.64 9.42
C ALA A 124 15.56 18.70 8.37
N GLY A 125 15.26 19.07 7.11
CA GLY A 125 16.25 19.19 6.03
C GLY A 125 16.24 18.03 5.03
N ALA A 126 15.24 17.14 5.06
CA ALA A 126 15.17 16.02 4.10
C ALA A 126 14.83 16.58 2.71
N ASP A 127 15.16 15.84 1.66
CA ASP A 127 14.91 16.29 0.26
C ASP A 127 13.48 15.88 -0.18
N ILE A 128 12.92 16.60 -1.14
CA ILE A 128 11.58 16.29 -1.73
C ILE A 128 11.58 14.85 -2.23
N SER A 129 12.75 14.33 -2.63
CA SER A 129 12.92 12.96 -3.18
C SER A 129 12.55 11.88 -2.15
N MET A 130 12.45 12.19 -0.87
CA MET A 130 12.05 11.23 0.19
C MET A 130 10.53 11.01 0.23
N ILE A 131 9.77 11.79 -0.53
CA ILE A 131 8.27 11.76 -0.47
C ILE A 131 7.76 10.34 -0.64
N GLY A 132 8.34 9.57 -1.56
CA GLY A 132 7.94 8.17 -1.85
C GLY A 132 8.07 7.25 -0.65
N GLN A 133 9.05 7.46 0.22
CA GLN A 133 9.27 6.61 1.42
C GLN A 133 8.18 6.90 2.47
N PHE A 134 7.41 7.97 2.34
CA PHE A 134 6.35 8.33 3.30
C PHE A 134 4.98 7.94 2.74
N GLY A 135 4.97 7.24 1.60
CA GLY A 135 3.78 6.71 0.92
C GLY A 135 2.88 7.78 0.35
N VAL A 136 3.36 9.00 0.08
CA VAL A 136 2.50 10.14 -0.39
C VAL A 136 3.10 10.74 -1.68
N GLY A 137 3.78 9.92 -2.47
CA GLY A 137 4.50 10.32 -3.71
C GLY A 137 3.57 10.94 -4.73
N PHE A 138 2.29 10.56 -4.70
CA PHE A 138 1.27 11.06 -5.64
C PHE A 138 1.28 12.57 -5.67
N TYR A 139 1.40 13.22 -4.49
CA TYR A 139 1.25 14.70 -4.37
C TYR A 139 2.44 15.41 -5.01
N SER A 140 3.56 14.73 -5.26
CA SER A 140 4.69 15.31 -6.03
C SER A 140 4.27 15.75 -7.44
N ALA A 141 3.15 15.27 -7.98
CA ALA A 141 2.65 15.70 -9.31
C ALA A 141 2.50 17.23 -9.33
N TYR A 142 2.13 17.82 -8.17
CA TYR A 142 1.90 19.28 -8.00
C TYR A 142 3.21 20.07 -7.99
N LEU A 143 4.39 19.43 -8.01
CA LEU A 143 5.69 20.13 -8.29
C LEU A 143 5.68 20.71 -9.71
N VAL A 144 5.07 20.01 -10.69
CA VAL A 144 5.19 20.32 -12.13
C VAL A 144 3.81 20.57 -12.77
N ALA A 145 2.71 20.12 -12.14
CA ALA A 145 1.35 20.23 -12.71
C ALA A 145 0.54 21.24 -11.90
N GLU A 146 -0.25 22.05 -12.59
CA GLU A 146 -1.23 22.97 -11.97
C GLU A 146 -2.57 22.22 -11.79
N LYS A 147 -2.82 21.18 -12.58
CA LYS A 147 -4.03 20.35 -12.44
C LYS A 147 -3.67 18.90 -12.71
N VAL A 148 -4.24 17.99 -11.91
CA VAL A 148 -4.12 16.53 -12.11
C VAL A 148 -5.54 15.96 -12.28
N THR A 149 -5.72 15.12 -13.30
CA THR A 149 -6.91 14.26 -13.48
C THR A 149 -6.48 12.81 -13.34
N VAL A 150 -7.23 12.01 -12.57
CA VAL A 150 -7.03 10.54 -12.48
C VAL A 150 -8.30 9.87 -13.04
N ILE A 151 -8.17 9.07 -14.10
CA ILE A 151 -9.28 8.27 -14.65
C ILE A 151 -8.96 6.82 -14.24
N THR A 152 -9.90 6.09 -13.65
CA THR A 152 -9.61 4.72 -13.18
C THR A 152 -10.82 3.80 -13.42
N LYS A 153 -10.53 2.52 -13.67
CA LYS A 153 -11.51 1.44 -13.91
C LYS A 153 -11.06 0.19 -13.17
N HIS A 154 -11.87 -0.27 -12.21
CA HIS A 154 -11.73 -1.52 -11.43
C HIS A 154 -12.76 -2.51 -11.98
N ASN A 155 -12.41 -3.80 -12.10
CA ASN A 155 -13.36 -4.84 -12.55
C ASN A 155 -14.64 -4.75 -11.72
N ASP A 156 -15.79 -4.89 -12.38
CA ASP A 156 -17.14 -4.95 -11.75
C ASP A 156 -17.53 -3.57 -11.21
N ASP A 157 -16.85 -2.51 -11.62
CA ASP A 157 -17.19 -1.14 -11.16
C ASP A 157 -17.17 -0.17 -12.35
N GLU A 158 -17.67 1.04 -12.13
CA GLU A 158 -17.78 2.10 -13.17
C GLU A 158 -16.43 2.80 -13.33
N GLN A 159 -16.23 3.48 -14.45
CA GLN A 159 -15.07 4.36 -14.68
C GLN A 159 -15.35 5.66 -13.93
N TYR A 160 -14.38 6.12 -13.11
CA TYR A 160 -14.43 7.39 -12.35
C TYR A 160 -13.27 8.28 -12.77
N ALA A 161 -13.50 9.60 -12.70
CA ALA A 161 -12.49 10.66 -12.84
C ALA A 161 -12.41 11.41 -11.51
N TRP A 162 -11.20 11.49 -10.94
CA TRP A 162 -10.84 12.38 -9.81
C TRP A 162 -10.13 13.60 -10.40
N GLU A 163 -10.32 14.80 -9.83
CA GLU A 163 -9.70 16.01 -10.38
C GLU A 163 -9.43 17.01 -9.27
N SER A 164 -8.25 17.62 -9.25
CA SER A 164 -7.94 18.73 -8.33
C SER A 164 -6.89 19.66 -8.92
N SER A 165 -7.11 20.96 -8.75
CA SER A 165 -6.14 22.06 -8.96
C SER A 165 -5.64 22.58 -7.61
N ALA A 166 -5.58 21.72 -6.59
CA ALA A 166 -5.16 22.09 -5.21
C ALA A 166 -6.18 23.10 -4.66
N GLY A 167 -5.77 24.07 -3.83
CA GLY A 167 -6.73 25.04 -3.25
C GLY A 167 -7.75 24.41 -2.30
N GLY A 168 -7.61 23.13 -1.94
CA GLY A 168 -8.19 22.54 -0.72
C GLY A 168 -9.27 21.51 -0.98
N SER A 169 -9.69 21.30 -2.22
CA SER A 169 -10.74 20.31 -2.56
C SER A 169 -10.39 19.53 -3.83
N PHE A 170 -11.10 18.43 -4.05
CA PHE A 170 -11.07 17.63 -5.29
C PHE A 170 -12.50 17.20 -5.62
N THR A 171 -12.73 16.76 -6.85
CA THR A 171 -14.03 16.23 -7.31
C THR A 171 -13.88 14.76 -7.72
N VAL A 172 -14.95 13.99 -7.59
CA VAL A 172 -15.08 12.60 -8.13
C VAL A 172 -16.41 12.54 -8.89
N ARG A 173 -16.37 11.98 -10.08
CA ARG A 173 -17.56 11.88 -10.95
C ARG A 173 -17.48 10.55 -11.67
N THR A 174 -18.62 9.99 -12.04
CA THR A 174 -18.74 8.90 -13.02
C THR A 174 -18.19 9.44 -14.33
N ASP A 175 -17.36 8.67 -15.02
CA ASP A 175 -16.72 9.14 -16.27
C ASP A 175 -17.38 8.43 -17.44
N THR A 176 -18.18 9.15 -18.25
CA THR A 176 -18.88 8.63 -19.46
C THR A 176 -18.04 8.85 -20.72
N GLY A 177 -16.84 9.45 -20.62
CA GLY A 177 -15.91 9.65 -21.76
C GLY A 177 -15.36 8.35 -22.33
N GLU A 178 -14.26 8.46 -23.08
CA GLU A 178 -13.49 7.34 -23.69
C GLU A 178 -13.29 6.21 -22.67
N PRO A 179 -13.89 5.02 -22.86
CA PRO A 179 -13.66 3.88 -21.95
C PRO A 179 -12.19 3.52 -22.01
N MET A 180 -11.56 3.25 -20.87
CA MET A 180 -10.10 3.01 -20.86
C MET A 180 -9.77 1.56 -20.51
N GLY A 181 -10.76 0.74 -20.20
CA GLY A 181 -10.48 -0.62 -19.72
C GLY A 181 -9.65 -0.58 -18.44
N ARG A 182 -9.46 -1.75 -17.83
CA ARG A 182 -8.98 -1.89 -16.44
C ARG A 182 -7.69 -1.09 -16.24
N GLY A 183 -7.64 -0.27 -15.20
CA GLY A 183 -6.39 0.37 -14.77
C GLY A 183 -6.59 1.84 -14.43
N THR A 184 -5.52 2.61 -14.49
CA THR A 184 -5.47 4.04 -14.11
C THR A 184 -4.67 4.85 -15.15
N LYS A 185 -5.20 6.01 -15.49
CA LYS A 185 -4.60 7.05 -16.34
C LYS A 185 -4.45 8.29 -15.46
N VAL A 186 -3.22 8.79 -15.27
CA VAL A 186 -2.99 10.08 -14.56
C VAL A 186 -2.62 11.13 -15.62
N ILE A 187 -3.31 12.26 -15.63
CA ILE A 187 -3.08 13.33 -16.63
C ILE A 187 -2.58 14.54 -15.85
N LEU A 188 -1.31 14.92 -16.06
CA LEU A 188 -0.71 16.15 -15.49
C LEU A 188 -0.91 17.27 -16.50
N HIS A 189 -1.68 18.29 -16.15
CA HIS A 189 -1.73 19.56 -16.90
C HIS A 189 -0.53 20.38 -16.39
N LEU A 190 0.55 20.43 -17.16
CA LEU A 190 1.84 21.02 -16.67
C LEU A 190 1.70 22.54 -16.57
N LYS A 191 2.26 23.11 -15.49
CA LYS A 191 2.60 24.56 -15.42
C LYS A 191 3.36 24.96 -16.69
N GLU A 192 3.12 26.19 -17.14
CA GLU A 192 3.70 26.84 -18.35
C GLU A 192 5.22 26.68 -18.36
N ASP A 193 5.87 26.84 -17.21
CA ASP A 193 7.36 26.86 -17.09
C ASP A 193 7.93 25.42 -16.95
N GLN A 194 7.10 24.36 -16.99
CA GLN A 194 7.59 22.96 -16.75
C GLN A 194 7.45 22.07 -18.02
N THR A 195 7.54 22.62 -19.24
CA THR A 195 7.34 21.84 -20.49
C THR A 195 8.59 21.04 -20.84
N GLU A 196 9.73 21.23 -20.16
CA GLU A 196 10.93 20.35 -20.29
C GLU A 196 10.54 18.87 -20.13
N TYR A 197 9.53 18.57 -19.31
CA TYR A 197 9.16 17.18 -18.96
C TYR A 197 8.30 16.53 -20.05
N LEU A 198 8.08 17.22 -21.15
CA LEU A 198 7.38 16.69 -22.35
C LEU A 198 8.42 16.35 -23.42
N GLU A 199 9.70 16.68 -23.20
CA GLU A 199 10.80 16.37 -24.15
C GLU A 199 11.23 14.91 -23.99
N GLU A 200 11.23 14.15 -25.10
CA GLU A 200 11.70 12.75 -25.14
C GLU A 200 13.07 12.61 -24.44
N ARG A 201 14.01 13.50 -24.71
CA ARG A 201 15.36 13.43 -24.13
C ARG A 201 15.28 13.60 -22.60
N ARG A 202 14.53 14.57 -22.09
CA ARG A 202 14.44 14.79 -20.61
C ARG A 202 13.80 13.56 -19.94
N ILE A 203 12.69 13.05 -20.47
CA ILE A 203 11.98 11.84 -19.96
C ILE A 203 12.93 10.63 -19.97
N LYS A 204 13.71 10.44 -21.03
CA LYS A 204 14.69 9.33 -21.10
C LYS A 204 15.74 9.49 -20.01
N GLU A 205 16.23 10.71 -19.78
CA GLU A 205 17.22 10.95 -18.69
C GLU A 205 16.57 10.52 -17.37
N ILE A 206 15.41 11.09 -17.03
CA ILE A 206 14.73 10.91 -15.71
C ILE A 206 14.48 9.43 -15.42
N VAL A 207 14.04 8.65 -16.41
CA VAL A 207 13.68 7.20 -16.25
C VAL A 207 14.95 6.33 -16.21
N LYS A 208 15.97 6.67 -17.00
CA LYS A 208 17.35 6.10 -16.92
C LYS A 208 17.99 6.28 -15.53
N LYS A 209 17.56 7.28 -14.76
CA LYS A 209 18.17 7.67 -13.45
C LYS A 209 17.43 7.02 -12.27
N HIS A 210 16.13 7.22 -12.16
CA HIS A 210 15.38 7.13 -10.87
C HIS A 210 14.77 5.74 -10.64
N SER A 211 14.01 5.23 -11.60
CA SER A 211 13.09 4.07 -11.44
C SER A 211 13.89 2.75 -11.35
N GLN A 212 14.92 2.64 -12.20
CA GLN A 212 16.01 1.61 -12.27
C GLN A 212 15.45 0.19 -12.29
N PHE A 213 14.73 -0.22 -11.24
CA PHE A 213 14.40 -1.64 -10.95
C PHE A 213 12.89 -1.80 -10.70
N ILE A 214 12.05 -1.11 -11.48
CA ILE A 214 10.60 -1.46 -11.63
C ILE A 214 10.53 -2.53 -12.73
N GLY A 215 9.82 -3.63 -12.48
CA GLY A 215 9.89 -4.86 -13.31
C GLY A 215 8.64 -5.09 -14.13
N TYR A 216 8.16 -4.02 -14.75
CA TYR A 216 7.07 -3.99 -15.75
C TYR A 216 7.63 -3.18 -16.91
N PRO A 217 7.28 -3.55 -18.15
CA PRO A 217 7.69 -2.76 -19.32
C PRO A 217 7.18 -1.33 -19.17
N ILE A 218 8.03 -0.36 -19.52
CA ILE A 218 7.67 1.08 -19.61
C ILE A 218 7.88 1.48 -21.07
N THR A 219 6.92 2.17 -21.69
CA THR A 219 7.01 2.62 -23.11
C THR A 219 6.64 4.09 -23.18
N LEU A 220 7.55 4.88 -23.72
CA LEU A 220 7.36 6.30 -24.06
C LEU A 220 6.81 6.40 -25.49
N PHE A 221 5.65 7.03 -25.66
CA PHE A 221 5.03 7.34 -26.96
C PHE A 221 5.35 8.80 -27.31
N VAL A 222 6.10 9.01 -28.39
CA VAL A 222 6.54 10.34 -28.91
C VAL A 222 5.74 10.66 -30.19
N GLU A 223 5.07 11.82 -30.25
CA GLU A 223 4.26 12.28 -31.41
C GLU A 223 5.22 12.76 -32.49
N LYS A 224 5.19 12.16 -33.70
CA LYS A 224 6.15 12.47 -34.79
C LYS A 224 5.84 13.86 -35.34
N GLU A 225 6.77 14.80 -35.21
CA GLU A 225 6.61 16.20 -35.68
C GLU A 225 6.77 16.25 -37.20
N GLY B 1 22.14 -21.36 27.91
CA GLY B 1 20.77 -20.79 27.84
C GLY B 1 19.73 -21.89 27.77
N MET B 2 18.48 -21.56 27.45
CA MET B 2 17.40 -22.56 27.26
C MET B 2 16.81 -22.42 25.86
N THR B 3 15.91 -23.33 25.48
CA THR B 3 15.32 -23.35 24.13
C THR B 3 14.53 -22.05 23.98
N GLU B 4 14.85 -21.26 22.95
CA GLU B 4 14.13 -20.01 22.60
C GLU B 4 13.56 -20.07 21.18
N TYR B 5 12.32 -19.66 20.96
CA TYR B 5 11.76 -19.35 19.62
C TYR B 5 11.52 -17.83 19.50
N LYS B 6 12.15 -17.19 18.51
CA LYS B 6 11.98 -15.73 18.25
C LYS B 6 10.85 -15.53 17.22
N LEU B 7 9.70 -15.08 17.70
CA LEU B 7 8.47 -14.87 16.88
C LEU B 7 8.32 -13.37 16.67
N VAL B 8 7.95 -12.97 15.46
CA VAL B 8 7.70 -11.55 15.09
C VAL B 8 6.24 -11.42 14.74
N VAL B 9 5.59 -10.41 15.32
CA VAL B 9 4.17 -10.11 15.04
C VAL B 9 4.12 -8.87 14.13
N VAL B 10 3.56 -9.04 12.94
CA VAL B 10 3.51 -7.98 11.91
C VAL B 10 2.08 -7.85 11.41
N GLY B 11 1.78 -6.72 10.77
CA GLY B 11 0.44 -6.37 10.30
C GLY B 11 0.17 -4.88 10.44
N ALA B 12 -0.89 -4.38 9.79
CA ALA B 12 -1.22 -2.93 9.75
C ALA B 12 -1.38 -2.38 11.17
N CYS B 13 -1.21 -1.06 11.32
CA CYS B 13 -1.55 -0.28 12.53
C CYS B 13 -2.97 -0.63 12.94
N GLY B 14 -3.20 -0.95 14.20
CA GLY B 14 -4.54 -1.18 14.77
C GLY B 14 -5.11 -2.59 14.61
N VAL B 15 -4.38 -3.57 14.05
CA VAL B 15 -4.94 -4.94 13.84
C VAL B 15 -4.98 -5.71 15.16
N GLY B 16 -4.14 -5.36 16.13
CA GLY B 16 -4.06 -6.03 17.44
C GLY B 16 -2.73 -6.72 17.69
N LYS B 17 -1.64 -6.29 17.03
CA LYS B 17 -0.30 -6.89 17.30
C LYS B 17 0.01 -6.86 18.79
N SER B 18 -0.16 -5.70 19.42
CA SER B 18 0.24 -5.48 20.84
C SER B 18 -0.78 -6.20 21.74
N ALA B 19 -2.07 -6.11 21.42
CA ALA B 19 -3.17 -6.75 22.18
C ALA B 19 -2.98 -8.26 22.19
N LEU B 20 -2.58 -8.88 21.06
CA LEU B 20 -2.34 -10.35 20.99
C LEU B 20 -1.13 -10.71 21.83
N THR B 21 -0.04 -9.96 21.67
CA THR B 21 1.22 -10.16 22.40
C THR B 21 0.94 -10.06 23.91
N ILE B 22 0.21 -9.05 24.34
CA ILE B 22 0.01 -8.79 25.80
C ILE B 22 -0.91 -9.87 26.39
N GLN B 23 -1.94 -10.27 25.64
CA GLN B 23 -2.86 -11.37 26.04
C GLN B 23 -2.01 -12.64 26.23
N LEU B 24 -1.06 -12.91 25.34
CA LEU B 24 -0.23 -14.13 25.47
C LEU B 24 0.66 -14.03 26.71
N ILE B 25 1.35 -12.91 26.89
CA ILE B 25 2.44 -12.76 27.90
C ILE B 25 1.81 -12.53 29.28
N GLN B 26 0.83 -11.63 29.39
CA GLN B 26 0.35 -11.11 30.69
C GLN B 26 -1.12 -11.49 30.94
N ASN B 27 -1.77 -12.22 30.03
CA ASN B 27 -3.20 -12.64 30.13
C ASN B 27 -4.11 -11.49 30.54
N HIS B 28 -4.02 -10.32 29.91
CA HIS B 28 -5.08 -9.28 30.00
C HIS B 28 -5.17 -8.48 28.69
N PHE B 29 -6.29 -7.80 28.48
CA PHE B 29 -6.63 -7.08 27.24
C PHE B 29 -6.41 -5.58 27.44
N VAL B 30 -5.61 -4.94 26.57
CA VAL B 30 -5.36 -3.48 26.59
C VAL B 30 -6.23 -2.84 25.50
N ASP B 31 -7.05 -1.84 25.89
CA ASP B 31 -8.04 -1.13 25.04
C ASP B 31 -7.35 -0.06 24.20
N GLU B 32 -6.05 0.17 24.39
CA GLU B 32 -5.27 1.20 23.67
C GLU B 32 -3.86 1.22 24.26
N TYR B 33 -2.85 0.88 23.45
CA TYR B 33 -1.41 0.82 23.80
C TYR B 33 -0.66 1.66 22.75
N ASP B 34 0.30 2.48 23.19
CA ASP B 34 1.05 3.40 22.29
C ASP B 34 1.41 2.67 21.01
N PRO B 35 0.84 3.08 19.85
CA PRO B 35 1.17 2.48 18.54
C PRO B 35 2.63 2.55 18.08
N THR B 36 3.49 3.36 18.73
CA THR B 36 4.89 3.55 18.31
C THR B 36 5.82 2.61 19.09
N ILE B 37 5.38 2.08 20.24
CA ILE B 37 6.21 1.22 21.14
C ILE B 37 6.51 -0.14 20.49
N GLU B 38 7.77 -0.36 20.12
CA GLU B 38 8.30 -1.64 19.60
C GLU B 38 9.17 -2.29 20.69
N ASP B 39 8.74 -3.42 21.25
CA ASP B 39 9.53 -4.17 22.25
C ASP B 39 9.45 -5.66 21.95
N SER B 40 10.39 -6.43 22.50
CA SER B 40 10.28 -7.91 22.63
C SER B 40 9.86 -8.25 24.07
N TYR B 41 9.03 -9.29 24.18
CA TYR B 41 8.41 -9.76 25.44
C TYR B 41 8.73 -11.26 25.51
N ARG B 42 9.08 -11.75 26.70
CA ARG B 42 9.51 -13.17 26.86
C ARG B 42 8.53 -13.86 27.80
N LYS B 43 8.22 -15.13 27.54
CA LYS B 43 7.38 -15.97 28.43
C LYS B 43 7.77 -17.43 28.28
N GLN B 44 7.91 -18.13 29.41
CA GLN B 44 8.15 -19.60 29.36
C GLN B 44 6.82 -20.27 29.04
N VAL B 45 6.84 -21.22 28.11
CA VAL B 45 5.68 -22.08 27.76
C VAL B 45 6.16 -23.53 27.75
N VAL B 46 5.20 -24.44 27.77
CA VAL B 46 5.39 -25.89 27.51
C VAL B 46 4.53 -26.22 26.29
N ILE B 47 5.14 -26.65 25.18
CA ILE B 47 4.40 -26.96 23.92
C ILE B 47 4.69 -28.39 23.50
N ASP B 48 3.66 -29.25 23.47
CA ASP B 48 3.87 -30.70 23.21
C ASP B 48 5.00 -31.18 24.14
N GLY B 49 4.93 -30.82 25.43
CA GLY B 49 5.87 -31.29 26.47
C GLY B 49 7.26 -30.63 26.48
N GLU B 50 7.62 -29.81 25.48
CA GLU B 50 8.93 -29.11 25.45
C GLU B 50 8.80 -27.71 26.10
N THR B 51 9.64 -27.45 27.11
CA THR B 51 9.79 -26.15 27.82
C THR B 51 10.69 -25.23 27.00
N SER B 52 10.26 -23.99 26.75
CA SER B 52 11.01 -23.01 25.92
C SER B 52 10.62 -21.58 26.30
N LEU B 53 11.46 -20.64 25.91
CA LEU B 53 11.17 -19.20 25.97
C LEU B 53 10.58 -18.79 24.62
N LEU B 54 9.43 -18.12 24.60
CA LEU B 54 8.97 -17.36 23.41
C LEU B 54 9.48 -15.95 23.55
N ASP B 55 10.32 -15.52 22.62
CA ASP B 55 10.79 -14.13 22.53
C ASP B 55 9.96 -13.46 21.42
N ILE B 56 8.99 -12.65 21.79
CA ILE B 56 7.98 -12.13 20.83
C ILE B 56 8.33 -10.69 20.50
N LEU B 57 8.68 -10.46 19.23
CA LEU B 57 8.94 -9.09 18.73
C LEU B 57 7.63 -8.47 18.23
N ASP B 58 7.11 -7.54 19.02
CA ASP B 58 5.86 -6.81 18.77
C ASP B 58 6.19 -5.62 17.86
N THR B 59 6.11 -5.80 16.54
CA THR B 59 6.61 -4.81 15.55
C THR B 59 5.82 -3.49 15.69
N ALA B 60 6.55 -2.38 15.67
CA ALA B 60 5.92 -1.03 15.67
C ALA B 60 6.90 -0.01 15.12
N GLY B 61 6.89 1.19 15.68
CA GLY B 61 7.77 2.27 15.21
C GLY B 61 7.23 2.77 13.88
N GLN B 62 8.10 2.96 12.91
CA GLN B 62 7.67 3.49 11.60
C GLN B 62 8.22 2.57 10.53
N GLU B 63 7.62 2.67 9.35
CA GLU B 63 8.06 1.93 8.16
C GLU B 63 9.38 2.53 7.67
N GLU B 64 10.46 1.75 7.75
CA GLU B 64 11.76 2.08 7.14
C GLU B 64 12.52 0.77 6.99
N TYR B 65 13.54 0.79 6.13
CA TYR B 65 14.28 -0.40 5.72
C TYR B 65 15.79 -0.12 5.90
N SER B 66 16.18 0.53 6.99
CA SER B 66 17.62 0.65 7.41
C SER B 66 18.22 -0.75 7.54
N ALA B 67 19.55 -0.87 7.50
CA ALA B 67 20.29 -2.15 7.62
C ALA B 67 20.02 -2.71 9.03
N MET B 68 19.97 -1.81 10.00
CA MET B 68 19.62 -2.11 11.41
C MET B 68 18.25 -2.79 11.46
N ARG B 69 17.20 -2.15 10.94
CA ARG B 69 15.81 -2.69 10.89
C ARG B 69 15.81 -4.07 10.20
N ASP B 70 16.40 -4.20 9.02
CA ASP B 70 16.46 -5.49 8.27
C ASP B 70 17.12 -6.59 9.12
N GLN B 71 18.27 -6.30 9.74
CA GLN B 71 19.02 -7.30 10.55
C GLN B 71 18.10 -7.77 11.69
N TYR B 72 17.47 -6.83 12.40
CA TYR B 72 16.53 -7.07 13.54
C TYR B 72 15.37 -7.98 13.10
N MET B 73 14.70 -7.68 11.97
CA MET B 73 13.56 -8.52 11.47
C MET B 73 14.07 -9.89 10.98
N ARG B 74 15.32 -9.99 10.51
CA ARG B 74 15.92 -11.23 9.96
C ARG B 74 16.12 -12.30 11.06
N THR B 75 16.23 -11.89 12.32
CA THR B 75 16.44 -12.78 13.50
C THR B 75 15.13 -13.53 13.81
N GLY B 76 13.98 -12.99 13.35
CA GLY B 76 12.68 -13.67 13.47
C GLY B 76 12.77 -15.07 12.88
N GLU B 77 12.48 -16.11 13.65
CA GLU B 77 12.42 -17.52 13.15
C GLU B 77 11.03 -17.82 12.57
N GLY B 78 9.98 -17.15 13.05
CA GLY B 78 8.59 -17.33 12.60
C GLY B 78 7.84 -16.02 12.66
N PHE B 79 6.82 -15.82 11.81
CA PHE B 79 6.07 -14.53 11.72
C PHE B 79 4.58 -14.79 11.84
N LEU B 80 3.89 -14.03 12.70
CA LEU B 80 2.41 -13.92 12.72
C LEU B 80 2.03 -12.76 11.78
N LEU B 81 1.22 -13.04 10.78
CA LEU B 81 0.74 -12.07 9.77
C LEU B 81 -0.66 -11.73 10.23
N VAL B 82 -0.81 -10.61 10.93
CA VAL B 82 -2.11 -10.26 11.58
C VAL B 82 -2.85 -9.24 10.71
N PHE B 83 -4.14 -9.51 10.45
CA PHE B 83 -5.12 -8.56 9.89
C PHE B 83 -6.33 -8.54 10.83
N ALA B 84 -7.13 -7.49 10.76
CA ALA B 84 -8.38 -7.34 11.55
C ALA B 84 -9.56 -7.60 10.60
N ILE B 85 -10.54 -8.39 11.05
CA ILE B 85 -11.65 -8.91 10.18
C ILE B 85 -12.58 -7.77 9.75
N ASN B 86 -12.52 -6.60 10.41
CA ASN B 86 -13.34 -5.40 10.11
C ASN B 86 -12.53 -4.33 9.36
N ASN B 87 -11.34 -4.66 8.84
CA ASN B 87 -10.41 -3.69 8.21
C ASN B 87 -9.87 -4.35 6.94
N THR B 88 -10.48 -4.06 5.80
CA THR B 88 -10.14 -4.68 4.49
C THR B 88 -8.72 -4.31 4.06
N LYS B 89 -8.27 -3.08 4.32
CA LYS B 89 -6.89 -2.64 3.93
C LYS B 89 -5.84 -3.51 4.66
N SER B 90 -6.05 -3.84 5.93
CA SER B 90 -5.11 -4.66 6.74
C SER B 90 -4.93 -6.03 6.08
N PHE B 91 -6.00 -6.59 5.51
CA PHE B 91 -5.98 -7.90 4.81
C PHE B 91 -5.16 -7.77 3.54
N GLU B 92 -5.44 -6.74 2.73
CA GLU B 92 -4.69 -6.46 1.46
C GLU B 92 -3.19 -6.32 1.76
N ASP B 93 -2.82 -5.67 2.88
CA ASP B 93 -1.40 -5.40 3.25
C ASP B 93 -0.67 -6.71 3.59
N ILE B 94 -1.37 -7.80 3.87
CA ILE B 94 -0.71 -9.08 4.21
C ILE B 94 0.34 -9.39 3.14
N HIS B 95 0.03 -9.12 1.87
CA HIS B 95 0.94 -9.40 0.73
C HIS B 95 2.25 -8.62 0.96
N HIS B 96 2.16 -7.37 1.42
CA HIS B 96 3.35 -6.51 1.69
C HIS B 96 4.26 -7.18 2.74
N TYR B 97 3.70 -7.56 3.89
CA TYR B 97 4.44 -8.17 5.02
C TYR B 97 5.10 -9.48 4.55
N ARG B 98 4.32 -10.33 3.89
CA ARG B 98 4.82 -11.61 3.29
C ARG B 98 6.02 -11.29 2.39
N GLU B 99 5.93 -10.29 1.49
CA GLU B 99 7.06 -9.88 0.59
C GLU B 99 8.32 -9.56 1.39
N GLN B 100 8.20 -8.72 2.42
CA GLN B 100 9.37 -8.22 3.20
C GLN B 100 9.99 -9.37 4.02
N ILE B 101 9.20 -10.31 4.52
CA ILE B 101 9.77 -11.51 5.20
C ILE B 101 10.50 -12.36 4.16
N LYS B 102 9.81 -12.69 3.08
CA LYS B 102 10.40 -13.38 1.91
C LYS B 102 11.74 -12.73 1.59
N ARG B 103 11.80 -11.39 1.64
CA ARG B 103 12.97 -10.56 1.23
C ARG B 103 14.15 -10.77 2.19
N VAL B 104 13.97 -10.59 3.50
CA VAL B 104 15.13 -10.57 4.46
C VAL B 104 15.56 -12.01 4.77
N LYS B 105 14.68 -12.99 4.61
CA LYS B 105 15.02 -14.41 4.87
C LYS B 105 15.31 -15.14 3.54
N ASP B 106 15.32 -14.43 2.41
CA ASP B 106 15.64 -14.98 1.07
C ASP B 106 15.13 -16.42 0.96
N SER B 107 13.81 -16.60 1.07
CA SER B 107 13.13 -17.92 1.01
C SER B 107 11.61 -17.71 0.93
N GLU B 108 10.91 -18.62 0.26
CA GLU B 108 9.43 -18.69 0.30
C GLU B 108 9.02 -19.68 1.40
N ASP B 109 10.00 -20.18 2.15
CA ASP B 109 9.85 -21.29 3.13
C ASP B 109 10.10 -20.76 4.55
N VAL B 110 9.58 -19.58 4.89
CA VAL B 110 9.64 -19.02 6.28
C VAL B 110 8.40 -19.47 7.04
N PRO B 111 8.56 -20.01 8.27
CA PRO B 111 7.42 -20.29 9.13
C PRO B 111 6.56 -19.05 9.38
N MET B 112 5.25 -19.15 9.10
CA MET B 112 4.26 -18.05 9.21
C MET B 112 2.89 -18.65 9.46
N VAL B 113 2.08 -17.96 10.27
CA VAL B 113 0.65 -18.22 10.51
C VAL B 113 -0.09 -16.92 10.15
N LEU B 114 -1.16 -17.04 9.36
CA LEU B 114 -2.11 -15.94 9.07
C LEU B 114 -3.13 -15.90 10.22
N VAL B 115 -3.35 -14.72 10.78
CA VAL B 115 -4.23 -14.53 11.96
C VAL B 115 -5.29 -13.50 11.61
N GLY B 116 -6.56 -13.89 11.67
CA GLY B 116 -7.69 -12.97 11.51
C GLY B 116 -8.15 -12.51 12.87
N ASN B 117 -7.79 -11.29 13.27
CA ASN B 117 -7.99 -10.86 14.67
C ASN B 117 -9.29 -10.05 14.75
N LYS B 118 -9.78 -9.85 15.98
CA LYS B 118 -10.99 -9.07 16.31
C LYS B 118 -12.22 -9.85 15.86
N SER B 119 -12.15 -11.18 15.88
CA SER B 119 -13.26 -12.09 15.50
C SER B 119 -14.47 -11.93 16.44
N ASP B 120 -14.32 -11.30 17.60
CA ASP B 120 -15.44 -10.97 18.52
C ASP B 120 -16.36 -9.88 17.94
N LEU B 121 -15.89 -9.02 17.04
CA LEU B 121 -16.66 -7.81 16.63
C LEU B 121 -17.67 -8.20 15.57
N PRO B 122 -18.84 -7.51 15.49
CA PRO B 122 -19.89 -7.87 14.53
C PRO B 122 -19.75 -7.29 13.12
N SER B 123 -18.79 -6.40 12.88
CA SER B 123 -18.71 -5.51 11.68
C SER B 123 -17.75 -6.08 10.62
N ARG B 124 -17.78 -7.38 10.37
CA ARG B 124 -16.85 -8.08 9.46
C ARG B 124 -16.94 -7.46 8.06
N THR B 125 -15.78 -7.20 7.44
CA THR B 125 -15.65 -6.74 6.03
C THR B 125 -14.80 -7.72 5.22
N VAL B 126 -14.10 -8.67 5.87
CA VAL B 126 -13.22 -9.67 5.22
C VAL B 126 -13.78 -11.06 5.57
N ASP B 127 -14.18 -11.84 4.56
CA ASP B 127 -14.72 -13.20 4.80
C ASP B 127 -13.57 -14.17 5.04
N THR B 128 -13.78 -15.06 6.02
CA THR B 128 -12.93 -16.21 6.37
C THR B 128 -12.51 -16.98 5.10
N LYS B 129 -13.42 -17.19 4.16
CA LYS B 129 -13.12 -17.90 2.88
C LYS B 129 -11.95 -17.21 2.17
N GLN B 130 -11.97 -15.87 2.10
CA GLN B 130 -10.88 -15.11 1.43
C GLN B 130 -9.56 -15.36 2.18
N ALA B 131 -9.60 -15.32 3.50
CA ALA B 131 -8.42 -15.52 4.37
C ALA B 131 -7.88 -16.93 4.15
N GLN B 132 -8.75 -17.93 4.06
CA GLN B 132 -8.29 -19.36 3.92
C GLN B 132 -7.73 -19.58 2.52
N ASP B 133 -8.36 -18.96 1.52
CA ASP B 133 -7.87 -18.97 0.12
C ASP B 133 -6.45 -18.41 0.08
N LEU B 134 -6.18 -17.32 0.79
CA LEU B 134 -4.82 -16.68 0.82
C LEU B 134 -3.82 -17.61 1.53
N ALA B 135 -4.16 -18.07 2.74
CA ALA B 135 -3.36 -19.04 3.53
C ALA B 135 -3.04 -20.28 2.66
N ARG B 136 -4.02 -20.82 1.96
CA ARG B 136 -3.82 -22.03 1.09
C ARG B 136 -2.75 -21.70 0.03
N SER B 137 -2.89 -20.57 -0.66
CA SER B 137 -1.95 -20.12 -1.72
C SER B 137 -0.52 -20.00 -1.17
N TYR B 138 -0.34 -19.61 0.10
CA TYR B 138 1.02 -19.47 0.70
C TYR B 138 1.47 -20.81 1.31
N GLY B 139 0.53 -21.73 1.59
CA GLY B 139 0.80 -23.01 2.27
C GLY B 139 1.03 -22.84 3.77
N ILE B 140 0.25 -21.98 4.43
CA ILE B 140 0.41 -21.64 5.88
C ILE B 140 -0.92 -21.83 6.56
N PRO B 141 -0.93 -22.12 7.88
CA PRO B 141 -2.19 -22.19 8.62
C PRO B 141 -2.82 -20.80 8.77
N PHE B 142 -4.12 -20.80 9.02
CA PHE B 142 -4.96 -19.61 9.30
C PHE B 142 -5.70 -19.84 10.62
N ILE B 143 -5.59 -18.91 11.56
CA ILE B 143 -6.25 -18.97 12.89
C ILE B 143 -7.16 -17.75 13.02
N GLU B 144 -8.42 -17.93 13.46
CA GLU B 144 -9.29 -16.81 13.88
C GLU B 144 -9.00 -16.48 15.35
N THR B 145 -8.87 -15.20 15.71
CA THR B 145 -8.51 -14.79 17.08
C THR B 145 -9.39 -13.65 17.55
N SER B 146 -9.44 -13.51 18.86
CA SER B 146 -9.93 -12.31 19.56
C SER B 146 -8.97 -12.08 20.72
N ALA B 147 -8.07 -11.11 20.57
CA ALA B 147 -7.18 -10.63 21.65
C ALA B 147 -8.07 -10.16 22.81
N LYS B 148 -9.27 -9.66 22.52
CA LYS B 148 -10.21 -9.15 23.54
C LYS B 148 -10.69 -10.27 24.45
N THR B 149 -11.02 -11.44 23.92
CA THR B 149 -11.58 -12.57 24.71
C THR B 149 -10.52 -13.66 24.91
N ARG B 150 -9.37 -13.54 24.25
CA ARG B 150 -8.26 -14.55 24.26
C ARG B 150 -8.58 -15.81 23.42
N GLN B 151 -9.74 -15.90 22.79
CA GLN B 151 -10.06 -17.02 21.86
C GLN B 151 -9.03 -17.02 20.72
N GLY B 152 -8.37 -18.17 20.54
CA GLY B 152 -7.40 -18.49 19.48
C GLY B 152 -5.99 -18.00 19.77
N VAL B 153 -5.75 -17.26 20.85
CA VAL B 153 -4.45 -16.55 21.03
C VAL B 153 -3.35 -17.59 21.20
N ASP B 154 -3.48 -18.50 22.15
CA ASP B 154 -2.46 -19.54 22.40
C ASP B 154 -2.36 -20.40 21.15
N ASP B 155 -3.51 -20.67 20.52
CA ASP B 155 -3.57 -21.50 19.28
C ASP B 155 -2.65 -20.86 18.24
N ALA B 156 -2.71 -19.54 18.06
CA ALA B 156 -1.95 -18.86 16.99
C ALA B 156 -0.46 -18.94 17.27
N PHE B 157 -0.01 -18.61 18.46
CA PHE B 157 1.43 -18.59 18.77
C PHE B 157 1.99 -20.04 18.80
N TYR B 158 1.21 -21.00 19.33
CA TYR B 158 1.70 -22.40 19.50
C TYR B 158 1.83 -23.07 18.12
N THR B 159 0.87 -22.78 17.23
CA THR B 159 0.88 -23.26 15.81
C THR B 159 2.15 -22.74 15.15
N LEU B 160 2.49 -21.48 15.36
CA LEU B 160 3.68 -20.87 14.72
C LEU B 160 4.93 -21.61 15.21
N VAL B 161 5.01 -21.91 16.50
CA VAL B 161 6.16 -22.69 17.08
C VAL B 161 6.22 -24.05 16.37
N ARG B 162 5.09 -24.74 16.26
CA ARG B 162 5.02 -26.06 15.58
C ARG B 162 5.49 -25.92 14.14
N GLU B 163 5.08 -24.83 13.48
CA GLU B 163 5.52 -24.52 12.10
C GLU B 163 7.05 -24.39 12.07
N ILE B 164 7.67 -23.74 13.06
CA ILE B 164 9.15 -23.55 13.12
C ILE B 164 9.88 -24.88 13.38
N ARG B 165 9.30 -25.79 14.15
CA ARG B 165 9.92 -27.12 14.41
C ARG B 165 9.98 -27.93 13.11
N LYS B 166 8.93 -27.87 12.27
CA LYS B 166 8.83 -28.64 11.01
C LYS B 166 9.88 -28.15 9.99
N HIS B 167 10.08 -26.85 9.89
CA HIS B 167 11.03 -26.22 8.93
C HIS B 167 12.45 -26.30 9.49
C1 BTB C . 8.00 0.54 0.06
O1 BTB C . 6.59 0.72 -0.11
C2 BTB C . 8.62 -0.55 -0.83
C3 BTB C . 8.35 -1.93 -0.20
O3 BTB C . 7.01 -2.37 -0.36
C4 BTB C . 10.14 -0.33 -0.92
O4 BTB C . 10.69 0.09 0.31
N BTB C . 8.10 -0.54 -2.29
C5 BTB C . 8.06 0.82 -2.94
C6 BTB C . 6.95 0.94 -3.97
O6 BTB C . 5.67 0.87 -3.35
C7 BTB C . 8.70 -1.59 -3.21
C8 BTB C . 7.69 -2.46 -3.93
O8 BTB C . 6.55 -2.71 -3.12
CA CA D . 5.20 -1.02 -1.68
PB GDP E . -1.48 -2.67 16.82
O1B GDP E . -0.40 -2.99 17.86
O2B GDP E . -1.41 -1.29 16.22
O3B GDP E . -1.52 -3.74 15.71
O3A GDP E . -2.92 -2.74 17.52
PA GDP E . -3.27 -2.63 19.10
O1A GDP E . -2.71 -1.39 19.71
O2A GDP E . -2.91 -3.96 19.73
O5' GDP E . -4.84 -2.67 19.10
C5' GDP E . -5.50 -1.68 18.29
C4' GDP E . -6.89 -1.40 18.83
O4' GDP E . -7.78 -2.49 18.56
C3' GDP E . -6.89 -1.22 20.35
O3' GDP E . -7.93 -0.31 20.72
C2' GDP E . -7.21 -2.61 20.85
O2' GDP E . -7.88 -2.69 22.11
C1' GDP E . -8.17 -3.10 19.81
N9 GDP E . -8.16 -4.57 19.69
C8 GDP E . -7.09 -5.35 19.51
N7 GDP E . -7.44 -6.63 19.36
C5 GDP E . -8.77 -6.70 19.45
C6 GDP E . -9.80 -7.78 19.38
O6 GDP E . -9.47 -8.97 19.21
N1 GDP E . -11.06 -7.43 19.49
C2 GDP E . -11.43 -6.14 19.69
N2 GDP E . -12.73 -5.83 19.79
N3 GDP E . -10.56 -5.10 19.75
C4 GDP E . -9.24 -5.33 19.64
N1 A1CRY F . 8.91 -3.49 8.33
N3 A1CRY F . 3.37 0.03 12.35
C4 A1CRY F . 11.10 -7.75 7.26
C5 A1CRY F . 11.12 -6.35 7.38
C6 A1CRY F . 12.28 -5.60 7.06
C7 A1CRY F . 12.31 -4.25 7.17
C8 A1CRY F . 11.17 -3.56 7.60
C10 A1CRY F . 9.16 -2.28 9.12
N12 A1CRY F . -6.21 -0.29 -6.46
C13 A1CRY F . 6.84 -2.31 7.60
C15 A1CRY F . 5.72 -0.82 9.09
C17 A1CRY F . 3.88 1.18 11.60
C20 A1CRY F . 0.64 1.85 13.63
C21 A1CRY F . 4.07 -1.26 12.09
C22 A1CRY F . 3.21 -2.20 11.25
C24 A1CRY F . 5.49 -1.03 11.50
C26 A1CRY F . 2.92 -0.13 6.40
C28 A1CRY F . 2.15 1.72 3.34
CL1 A1CRY F . 7.38 -5.78 8.80
C1 A1CRY F . 8.82 -6.47 8.15
C2 A1CRY F . 8.84 -7.83 8.05
C3 A1CRY F . 9.99 -8.47 7.59
C9 A1CRY F . 10.02 -4.23 7.97
C11 A1CRY F . 7.90 -1.89 9.83
C12 A1CRY F . 7.98 -3.21 7.22
C14 A1CRY F . 6.79 -1.67 8.83
N2 A1CRY F . 5.51 -0.18 10.30
C16 A1CRY F . 4.41 0.80 10.24
C18 A1CRY F . 2.46 0.11 13.34
C19 A1CRY F . 2.09 1.49 13.89
O1 A1CRY F . 1.99 -0.89 13.86
C23 A1CRY F . 3.77 -3.55 11.25
N4 A1CRY F . 4.29 -4.58 11.23
N5 A1CRY F . 4.79 -0.62 8.15
C25 A1CRY F . 4.90 -1.26 6.98
O2 A1CRY F . 3.97 -1.03 6.05
C27 A1CRY F . 2.09 0.13 5.17
N6 A1CRY F . 2.88 0.63 4.02
C29 A1CRY F . 2.86 2.19 2.09
N7 A1CRY F . 3.16 1.05 1.20
C30 A1CRY F . 2.88 0.92 -0.10
C31 A1CRY F . 1.98 1.94 -0.80
C32 A1CRY F . 2.75 2.96 -1.63
C33 A1CRY F . 1.80 3.96 -2.27
C34 A1CRY F . 0.95 1.27 -1.67
C35 A1CRY F . 0.00 2.30 -2.27
N8 A1CRY F . 0.72 3.33 -3.04
C36 A1CRY F . -0.23 4.34 -3.52
C37 A1CRY F . -1.16 3.81 -4.57
C38 A1CRY F . -2.53 3.85 -4.40
C39 A1CRY F . -3.38 3.33 -5.36
C40 A1CRY F . -0.66 3.18 -5.69
C41 A1CRY F . -1.50 2.65 -6.65
C42 A1CRY F . -2.86 2.69 -6.46
N9 A1CRY F . -3.73 2.22 -7.49
C43 A1CRY F . -3.80 2.79 -8.74
C44 A1CRY F . -2.95 3.90 -9.18
C45 A1CRY F . -2.89 5.07 -8.41
C46 A1CRY F . -2.05 6.11 -8.74
C47 A1CRY F . -2.10 7.38 -7.92
C48 A1CRY F . -2.16 7.14 -6.42
C49 A1CRY F . -3.31 8.20 -8.39
C50 A1CRY F . -1.30 6.02 -9.92
O3 A1CRY F . -0.50 7.07 -10.28
C51 A1CRY F . -1.32 4.85 -10.69
C52 A1CRY F . -2.16 3.79 -10.34
O4 A1CRY F . -2.20 2.66 -11.10
N10 A1CRY F . -4.74 2.20 -9.45
N11 A1CRY F . -5.31 1.19 -8.65
C53 A1CRY F . -4.73 1.25 -7.48
C54 A1CRY F . -5.05 0.33 -6.38
O5 A1CRY F . -4.23 0.09 -5.50
O6 A1CRY F . 3.33 -0.04 -0.71
C55 A1CRY F . 3.94 0.03 1.90
C56 A1CRY F . 3.14 -0.47 3.09
N13 A1CRY F . 5.88 -2.10 6.67
C57 A1CRY F . 9.96 -5.66 7.82
MG MG G . 1.30 -2.00 18.72
#